data_2R1Y
#
_entry.id   2R1Y
#
_cell.length_a   45.740
_cell.length_b   81.420
_cell.length_c   131.410
_cell.angle_alpha   90.000
_cell.angle_beta   90.000
_cell.angle_gamma   90.000
#
_symmetry.space_group_name_H-M   'P 21 21 21'
#
loop_
_entity.id
_entity.type
_entity.pdbx_description
1 polymer 'Fab, antibody fragment (IgG1k), light chain'
2 polymer 'Fab, antibody fragment (IgG1k), heavy chain'
3 branched '3-deoxy-alpha-D-manno-oct-2-ulopyranosonic acid-(2-4)-prop-2-en-1-yl 3-deoxy-alpha-D-manno-octos-2-ulopyranoside'
4 non-polymer 'MAGNESIUM ION'
5 non-polymer 'ZINC ION'
6 water water
#
loop_
_entity_poly.entity_id
_entity_poly.type
_entity_poly.pdbx_seq_one_letter_code
_entity_poly.pdbx_strand_id
1 'polypeptide(L)'
;DIVMSQSPSSLAVSAGEKVTMSCKSSQSLLNSRTRKNYLAWYQQKPGQSPKLLIYWASTRESGVPDRFTGSGSGTDFTLT
ITSVQAEDLAVYYCKQSYNLRTFGGGTKLEIKRADAAPTVSIFPPSSEQLTSGGASVVCFLNNFYPKDINVKWKIDGSER
QNGVLNSWTDQDSKDSTYSMSSTLTLTKDEYERHNSYTCEATHKTSTSPIVKSFNRNEC
;
A
2 'polypeptide(L)'
;EVKLVESGGGLVQSGGSLRLSCATSGFTFTDYYMSWVRQPPGKALEWLGFIRNKANGYTTEYSPSVKGRFTISRDNSQSI
LYLQMNTLRAEDSATYYCARDHDGYYERFSYWGQGTLVTVSAAKTTPPSVYPLAPGSAAQTNSMVTLGCLVKGYFPEPVT
VTWNSGSLSSGVHTFPAVLQSDLYTLSSSVTVPSSTWPSETVTCNVAHPASSTKVDKKIVPR
;
B
#
loop_
_chem_comp.id
_chem_comp.type
_chem_comp.name
_chem_comp.formula
KDO D-saccharide, alpha linking '3-deoxy-alpha-D-manno-oct-2-ulopyranosonic acid' 'C8 H14 O8'
KDR D-saccharide 'prop-2-en-1-yl 3-deoxy-alpha-D-manno-octos-2-ulopyranoside' 'C11 H18 O7'
MG non-polymer 'MAGNESIUM ION' 'Mg 2'
ZN non-polymer 'ZINC ION' 'Zn 2'
#
# COMPACT_ATOMS: atom_id res chain seq x y z
N ASP A 1 1.30 0.69 -31.26
CA ASP A 1 0.68 1.30 -29.99
C ASP A 1 1.89 1.89 -29.27
N ILE A 2 1.76 2.58 -28.12
CA ILE A 2 3.00 3.06 -27.44
C ILE A 2 3.35 2.26 -26.18
N VAL A 3 4.44 1.50 -26.30
CA VAL A 3 4.92 0.61 -25.24
C VAL A 3 5.96 1.37 -24.41
N MET A 4 5.77 1.38 -23.09
CA MET A 4 6.67 2.06 -22.16
C MET A 4 7.37 1.00 -21.32
N SER A 5 8.70 1.07 -21.27
CA SER A 5 9.44 0.07 -20.49
C SER A 5 10.42 0.77 -19.58
N GLN A 6 10.57 0.24 -18.37
CA GLN A 6 11.51 0.84 -17.41
C GLN A 6 12.59 -0.12 -16.96
N SER A 7 13.71 0.46 -16.55
CA SER A 7 14.85 -0.32 -16.05
C SER A 7 15.54 0.49 -14.94
N PRO A 8 16.04 -0.17 -13.88
CA PRO A 8 15.90 -1.61 -13.58
C PRO A 8 14.52 -1.90 -13.03
N SER A 9 14.21 -3.17 -12.80
CA SER A 9 12.95 -3.51 -12.12
C SER A 9 13.01 -3.04 -10.67
N SER A 10 14.18 -3.20 -10.07
CA SER A 10 14.40 -2.78 -8.71
C SER A 10 15.89 -2.61 -8.48
N LEU A 11 16.22 -1.85 -7.44
CA LEU A 11 17.60 -1.69 -6.97
C LEU A 11 17.58 -1.10 -5.55
N ALA A 12 18.73 -1.21 -4.86
CA ALA A 12 18.89 -0.64 -3.52
C ALA A 12 20.09 0.25 -3.52
N VAL A 13 19.94 1.39 -2.88
CA VAL A 13 21.02 2.37 -2.82
C VAL A 13 21.14 2.97 -1.41
N SER A 14 22.36 3.26 -0.97
CA SER A 14 22.54 3.80 0.38
C SER A 14 22.24 5.29 0.43
N ALA A 15 21.73 5.76 1.57
CA ALA A 15 21.46 7.19 1.75
C ALA A 15 22.69 8.03 1.38
N GLY A 16 22.49 9.14 0.68
CA GLY A 16 23.59 10.02 0.23
C GLY A 16 24.16 9.66 -1.15
N GLU A 17 23.81 8.48 -1.67
CA GLU A 17 24.34 8.09 -2.99
C GLU A 17 23.40 8.47 -4.14
N LYS A 18 23.91 8.34 -5.36
CA LYS A 18 23.17 8.69 -6.58
C LYS A 18 22.33 7.50 -7.03
N VAL A 19 21.11 7.79 -7.48
CA VAL A 19 20.24 6.80 -8.13
C VAL A 19 20.01 7.20 -9.59
N THR A 20 20.05 6.22 -10.50
CA THR A 20 19.78 6.42 -11.92
C THR A 20 18.78 5.35 -12.39
N MET A 21 17.67 5.79 -12.99
CA MET A 21 16.75 4.82 -13.58
C MET A 21 16.25 5.30 -14.93
N SER A 22 15.88 4.35 -15.79
CA SER A 22 15.57 4.72 -17.15
C SER A 22 14.19 4.32 -17.62
N CYS A 23 13.79 4.98 -18.68
CA CYS A 23 12.45 4.82 -19.24
C CYS A 23 12.55 4.90 -20.76
N LYS A 24 12.04 3.88 -21.44
CA LYS A 24 12.08 3.85 -22.90
C LYS A 24 10.66 3.84 -23.47
N SER A 25 10.43 4.61 -24.54
CA SER A 25 9.17 4.56 -25.28
C SER A 25 9.40 3.90 -26.62
N SER A 26 8.39 3.21 -27.14
CA SER A 26 8.50 2.53 -28.46
C SER A 26 8.43 3.49 -29.63
N GLN A 27 7.99 4.72 -29.35
CA GLN A 27 7.90 5.82 -30.32
C GLN A 27 8.47 7.07 -29.68
N SER A 28 9.01 7.98 -30.49
CA SER A 28 9.48 9.24 -29.96
C SER A 28 8.32 10.00 -29.30
N LEU A 29 8.59 10.57 -28.14
CA LEU A 29 7.58 11.37 -27.41
C LEU A 29 7.69 12.89 -27.67
N LEU A 30 8.59 13.22 -28.60
CA LEU A 30 8.87 14.62 -28.93
C LEU A 30 7.79 15.15 -29.87
N ASN A 31 6.90 15.97 -29.33
CA ASN A 31 5.84 16.61 -30.11
C ASN A 31 6.46 17.72 -30.96
N SER A 32 6.38 17.59 -32.28
CA SER A 32 7.08 18.54 -33.16
C SER A 32 6.50 19.96 -33.14
N ARG A 33 5.21 20.07 -32.81
CA ARG A 33 4.51 21.36 -32.77
C ARG A 33 4.87 22.19 -31.52
N THR A 34 4.96 21.55 -30.36
CA THR A 34 5.27 22.23 -29.10
C THR A 34 6.75 22.09 -28.68
N ARG A 35 7.45 21.17 -29.35
CA ARG A 35 8.89 20.90 -29.18
C ARG A 35 9.22 20.40 -27.77
N LYS A 36 8.23 19.79 -27.11
CA LYS A 36 8.43 19.20 -25.77
C LYS A 36 8.22 17.70 -25.84
N ASN A 37 8.84 17.00 -24.89
CA ASN A 37 8.71 15.55 -24.77
C ASN A 37 7.59 15.28 -23.77
N TYR A 38 6.57 14.54 -24.22
CA TYR A 38 5.37 14.34 -23.37
C TYR A 38 5.60 13.13 -22.48
N LEU A 39 6.50 13.33 -21.51
CA LEU A 39 6.96 12.26 -20.62
C LEU A 39 7.02 12.80 -19.19
N ALA A 40 6.28 12.15 -18.29
CA ALA A 40 6.27 12.52 -16.87
C ALA A 40 6.72 11.36 -15.99
N TRP A 41 7.18 11.72 -14.79
CA TRP A 41 7.61 10.77 -13.75
C TRP A 41 6.75 10.99 -12.51
N TYR A 42 6.26 9.87 -11.97
CA TYR A 42 5.51 9.80 -10.72
C TYR A 42 6.22 8.94 -9.70
N GLN A 43 6.09 9.35 -8.44
CA GLN A 43 6.61 8.60 -7.29
C GLN A 43 5.44 8.05 -6.49
N GLN A 44 5.51 6.75 -6.17
CA GLN A 44 4.47 6.15 -5.38
C GLN A 44 5.11 5.49 -4.17
N LYS A 45 4.99 6.15 -3.03
CA LYS A 45 5.52 5.59 -1.79
C LYS A 45 4.57 4.50 -1.27
N PRO A 46 5.08 3.60 -0.40
CA PRO A 46 4.24 2.49 0.06
C PRO A 46 2.94 2.97 0.73
N GLY A 47 1.84 2.39 0.30
CA GLY A 47 0.50 2.74 0.80
C GLY A 47 -0.08 4.07 0.34
N GLN A 48 0.60 4.76 -0.58
CA GLN A 48 0.14 6.09 -1.03
C GLN A 48 -0.26 6.09 -2.50
N SER A 49 -0.96 7.14 -2.91
CA SER A 49 -1.24 7.38 -4.32
C SER A 49 0.01 7.88 -5.04
N PRO A 50 0.07 7.72 -6.37
CA PRO A 50 1.24 8.31 -7.04
C PRO A 50 1.28 9.85 -6.89
N LYS A 51 2.46 10.43 -6.96
CA LYS A 51 2.66 11.88 -6.85
C LYS A 51 3.49 12.34 -8.04
N LEU A 52 3.08 13.44 -8.67
CA LEU A 52 3.84 13.98 -9.79
C LEU A 52 5.20 14.54 -9.32
N LEU A 53 6.27 14.13 -10.01
CA LEU A 53 7.61 14.69 -9.76
C LEU A 53 8.10 15.59 -10.90
N ILE A 54 8.03 15.08 -12.14
CA ILE A 54 8.65 15.69 -13.32
C ILE A 54 7.68 15.56 -14.48
N TYR A 55 7.59 16.59 -15.33
CA TYR A 55 6.83 16.48 -16.56
C TYR A 55 7.56 17.21 -17.67
N TRP A 56 7.08 17.04 -18.90
CA TRP A 56 7.77 17.55 -20.10
C TRP A 56 9.23 17.07 -20.07
N ALA A 57 9.43 15.83 -19.60
CA ALA A 57 10.74 15.19 -19.41
C ALA A 57 11.68 15.79 -18.36
N SER A 58 11.72 17.12 -18.22
CA SER A 58 12.72 17.74 -17.38
C SER A 58 12.22 18.87 -16.45
N THR A 59 10.93 19.17 -16.52
CA THR A 59 10.37 20.23 -15.66
C THR A 59 9.99 19.64 -14.32
N ARG A 60 10.66 20.12 -13.26
CA ARG A 60 10.43 19.65 -11.90
C ARG A 60 9.25 20.37 -11.31
N GLU A 61 8.25 19.62 -10.86
CA GLU A 61 7.07 20.25 -10.25
C GLU A 61 7.40 21.06 -8.98
N SER A 62 6.69 22.16 -8.73
CA SER A 62 6.92 22.91 -7.49
C SER A 62 6.72 22.05 -6.26
N GLY A 63 7.59 22.21 -5.27
CA GLY A 63 7.48 21.46 -4.02
C GLY A 63 8.29 20.18 -4.06
N VAL A 64 8.73 19.79 -5.26
CA VAL A 64 9.55 18.56 -5.42
C VAL A 64 11.01 18.90 -5.11
N PRO A 65 11.66 18.09 -4.25
CA PRO A 65 13.05 18.40 -3.99
C PRO A 65 13.95 18.50 -5.22
N ASP A 66 14.93 19.40 -5.12
CA ASP A 66 15.93 19.65 -6.15
C ASP A 66 16.78 18.41 -6.50
N ARG A 67 16.81 17.44 -5.59
CA ARG A 67 17.61 16.23 -5.81
C ARG A 67 17.08 15.34 -6.96
N PHE A 68 15.82 15.58 -7.36
CA PHE A 68 15.17 14.84 -8.47
C PHE A 68 15.33 15.59 -9.80
N THR A 69 15.93 14.95 -10.79
CA THR A 69 16.15 15.57 -12.11
C THR A 69 15.75 14.62 -13.21
N GLY A 70 14.88 15.11 -14.11
CA GLY A 70 14.45 14.34 -15.28
C GLY A 70 15.27 14.77 -16.49
N SER A 71 15.67 13.82 -17.34
CA SER A 71 16.41 14.15 -18.54
C SER A 71 16.09 13.19 -19.70
N GLY A 72 16.68 13.45 -20.86
CA GLY A 72 16.40 12.67 -22.04
C GLY A 72 15.47 13.32 -23.04
N SER A 73 15.27 12.62 -24.15
CA SER A 73 14.45 13.10 -25.25
C SER A 73 14.16 11.95 -26.18
N GLY A 74 13.11 12.12 -26.98
CA GLY A 74 12.70 11.15 -27.99
C GLY A 74 12.18 9.85 -27.40
N THR A 75 13.01 8.81 -27.44
CA THR A 75 12.60 7.48 -26.96
C THR A 75 13.22 7.05 -25.63
N ASP A 76 14.14 7.85 -25.08
CA ASP A 76 14.88 7.47 -23.87
C ASP A 76 14.97 8.60 -22.86
N PHE A 77 14.63 8.28 -21.61
CA PHE A 77 14.48 9.23 -20.53
C PHE A 77 15.09 8.66 -19.26
N THR A 78 15.54 9.54 -18.38
CA THR A 78 16.23 9.16 -17.16
C THR A 78 15.73 10.01 -16.01
N LEU A 79 15.51 9.37 -14.87
CA LEU A 79 15.28 10.09 -13.65
C LEU A 79 16.49 9.81 -12.78
N THR A 80 17.11 10.90 -12.31
CA THR A 80 18.30 10.83 -11.48
C THR A 80 17.98 11.42 -10.12
N ILE A 81 18.32 10.69 -9.06
CA ILE A 81 18.20 11.21 -7.70
C ILE A 81 19.60 11.35 -7.12
N THR A 82 20.02 12.60 -6.90
CA THR A 82 21.30 12.81 -6.23
C THR A 82 21.09 12.76 -4.71
N SER A 83 22.13 12.38 -3.97
CA SER A 83 22.07 12.28 -2.51
C SER A 83 20.72 11.76 -2.00
N VAL A 84 20.39 10.52 -2.36
CA VAL A 84 19.12 9.90 -1.98
C VAL A 84 18.90 9.91 -0.45
N GLN A 85 17.64 10.07 -0.06
CA GLN A 85 17.26 10.09 1.36
C GLN A 85 16.38 8.90 1.68
N ALA A 86 16.33 8.53 2.96
CA ALA A 86 15.54 7.39 3.42
C ALA A 86 14.09 7.50 2.90
N GLU A 87 13.55 8.71 2.87
CA GLU A 87 12.16 8.93 2.45
C GLU A 87 11.88 8.71 0.95
N ASP A 88 12.94 8.54 0.14
CA ASP A 88 12.78 8.37 -1.30
C ASP A 88 12.38 6.95 -1.73
N LEU A 89 12.34 6.05 -0.76
CA LEU A 89 11.85 4.70 -0.95
C LEU A 89 10.48 4.78 -1.66
N ALA A 90 10.36 4.14 -2.82
CA ALA A 90 9.12 4.24 -3.62
C ALA A 90 9.24 3.43 -4.89
N VAL A 91 8.10 3.23 -5.56
CA VAL A 91 8.10 2.81 -6.96
C VAL A 91 7.95 4.06 -7.81
N TYR A 92 8.81 4.19 -8.82
CA TYR A 92 8.82 5.35 -9.74
C TYR A 92 8.30 4.89 -11.08
N TYR A 93 7.31 5.63 -11.60
CA TYR A 93 6.71 5.31 -12.90
C TYR A 93 6.94 6.42 -13.91
N CYS A 94 7.27 6.09 -15.16
CA CYS A 94 7.19 7.09 -16.24
C CYS A 94 5.87 6.89 -16.97
N LYS A 95 5.44 7.94 -17.66
CA LYS A 95 4.15 7.91 -18.32
C LYS A 95 4.22 8.83 -19.55
N GLN A 96 3.83 8.30 -20.71
CA GLN A 96 3.75 9.14 -21.95
C GLN A 96 2.34 9.68 -22.09
N SER A 97 2.22 10.89 -22.64
CA SER A 97 0.89 11.47 -22.93
C SER A 97 0.87 12.02 -24.37
N TYR A 98 1.76 11.47 -25.20
CA TYR A 98 1.86 11.84 -26.62
C TYR A 98 0.61 11.39 -27.39
N ASN A 99 0.16 10.17 -27.07
CA ASN A 99 -1.00 9.54 -27.69
C ASN A 99 -1.80 8.84 -26.58
N LEU A 100 -2.93 9.45 -26.20
CA LEU A 100 -3.60 9.03 -24.95
C LEU A 100 -2.55 9.00 -23.80
N ARG A 101 -2.54 7.97 -22.96
CA ARG A 101 -1.50 7.86 -21.90
C ARG A 101 -1.19 6.40 -21.67
N THR A 102 0.07 6.14 -21.32
CA THR A 102 0.53 4.78 -21.03
C THR A 102 1.63 4.89 -20.00
N PHE A 103 1.53 4.04 -18.96
CA PHE A 103 2.54 3.98 -17.89
C PHE A 103 3.57 2.90 -18.18
N GLY A 104 4.82 3.18 -17.80
CA GLY A 104 5.83 2.10 -17.70
C GLY A 104 5.49 1.17 -16.54
N GLY A 105 6.26 0.08 -16.43
CA GLY A 105 6.06 -0.92 -15.38
C GLY A 105 6.61 -0.60 -13.99
N GLY A 106 7.33 0.53 -13.87
CA GLY A 106 7.87 1.00 -12.60
C GLY A 106 9.25 0.46 -12.27
N THR A 107 9.97 1.24 -11.46
CA THR A 107 11.23 0.83 -10.84
C THR A 107 11.07 0.96 -9.34
N LYS A 108 11.30 -0.13 -8.62
CA LYS A 108 11.20 -0.09 -7.16
C LYS A 108 12.57 0.29 -6.59
N LEU A 109 12.61 1.40 -5.86
CA LEU A 109 13.83 1.84 -5.18
C LEU A 109 13.74 1.47 -3.71
N GLU A 110 14.68 0.63 -3.25
CA GLU A 110 14.84 0.34 -1.84
C GLU A 110 16.10 1.06 -1.34
N ILE A 111 16.24 1.18 -0.03
CA ILE A 111 17.36 1.90 0.56
C ILE A 111 18.25 0.88 1.28
N LYS A 112 19.54 0.95 1.03
CA LYS A 112 20.47 0.08 1.73
C LYS A 112 20.94 0.80 2.98
N ARG A 113 21.05 0.04 4.06
CA ARG A 113 21.54 0.58 5.33
C ARG A 113 22.35 -0.50 6.03
N ALA A 114 22.91 -0.13 7.18
CA ALA A 114 23.67 -1.03 8.03
C ALA A 114 22.77 -2.14 8.54
N ASP A 115 23.32 -3.35 8.65
CA ASP A 115 22.56 -4.44 9.28
C ASP A 115 22.04 -4.07 10.68
N ALA A 116 20.81 -4.49 10.97
CA ALA A 116 20.17 -4.20 12.27
C ALA A 116 19.44 -5.44 12.76
N ALA A 117 19.65 -5.81 14.02
CA ALA A 117 18.99 -6.97 14.60
C ALA A 117 17.52 -6.66 14.92
N PRO A 118 16.65 -7.68 14.79
CA PRO A 118 15.24 -7.42 15.10
C PRO A 118 15.02 -7.34 16.60
N THR A 119 13.97 -6.64 16.96
CA THR A 119 13.42 -6.70 18.33
C THR A 119 12.19 -7.58 18.26
N VAL A 120 12.23 -8.67 19.03
CA VAL A 120 11.21 -9.71 18.92
C VAL A 120 10.28 -9.66 20.12
N SER A 121 8.98 -9.72 19.85
CA SER A 121 7.95 -9.78 20.91
C SER A 121 6.98 -10.91 20.66
N ILE A 122 6.59 -11.60 21.73
CA ILE A 122 5.62 -12.69 21.61
C ILE A 122 4.35 -12.36 22.39
N PHE A 123 3.22 -12.77 21.82
CA PHE A 123 1.88 -12.50 22.38
C PHE A 123 1.03 -13.74 22.42
N PRO A 124 0.50 -14.09 23.62
CA PRO A 124 -0.37 -15.24 23.72
C PRO A 124 -1.76 -14.93 23.11
N PRO A 125 -2.56 -15.99 22.84
CA PRO A 125 -3.94 -15.78 22.38
C PRO A 125 -4.74 -15.02 23.44
N SER A 126 -5.66 -14.16 22.98
CA SER A 126 -6.58 -13.43 23.87
C SER A 126 -7.71 -14.37 24.32
N SER A 127 -8.30 -14.07 25.49
CA SER A 127 -9.45 -14.83 25.96
C SER A 127 -10.64 -14.66 25.01
N GLU A 128 -10.77 -13.48 24.41
CA GLU A 128 -11.84 -13.21 23.43
C GLU A 128 -11.73 -14.07 22.17
N GLN A 129 -10.51 -14.54 21.83
CA GLN A 129 -10.35 -15.50 20.74
C GLN A 129 -10.60 -16.94 21.21
N LEU A 130 -10.00 -17.28 22.35
CA LEU A 130 -10.08 -18.63 22.89
C LEU A 130 -11.54 -19.04 23.12
N THR A 131 -12.36 -18.07 23.49
CA THR A 131 -13.78 -18.37 23.74
C THR A 131 -14.48 -18.92 22.48
N SER A 132 -13.96 -18.51 21.31
CA SER A 132 -14.47 -18.87 20.00
C SER A 132 -13.95 -20.23 19.52
N GLY A 133 -12.96 -20.78 20.23
CA GLY A 133 -12.38 -22.09 19.87
C GLY A 133 -11.08 -22.05 19.08
N GLY A 134 -10.52 -20.85 18.87
CA GLY A 134 -9.24 -20.71 18.17
C GLY A 134 -8.17 -20.12 19.06
N ALA A 135 -6.91 -20.28 18.65
CA ALA A 135 -5.78 -19.78 19.45
C ALA A 135 -4.64 -19.32 18.55
N SER A 136 -4.54 -18.02 18.31
CA SER A 136 -3.43 -17.50 17.53
C SER A 136 -2.33 -16.94 18.44
N VAL A 137 -1.08 -17.35 18.16
CA VAL A 137 0.08 -16.82 18.86
C VAL A 137 0.81 -15.94 17.84
N VAL A 138 1.23 -14.75 18.27
CA VAL A 138 1.84 -13.75 17.37
C VAL A 138 3.24 -13.39 17.85
N CYS A 139 4.21 -13.34 16.91
CA CYS A 139 5.53 -12.73 17.17
C CYS A 139 5.73 -11.60 16.19
N PHE A 140 6.09 -10.45 16.72
CA PHE A 140 6.56 -9.31 15.92
C PHE A 140 8.07 -9.34 15.94
N LEU A 141 8.65 -9.21 14.75
CA LEU A 141 10.10 -9.05 14.61
C LEU A 141 10.25 -7.65 14.03
N ASN A 142 10.64 -6.68 14.82
CA ASN A 142 10.61 -5.28 14.39
C ASN A 142 11.98 -4.64 14.15
N ASN A 143 12.06 -3.81 13.12
CA ASN A 143 13.17 -2.91 12.87
C ASN A 143 14.49 -3.63 12.60
N PHE A 144 14.49 -4.50 11.60
CA PHE A 144 15.72 -5.20 11.23
C PHE A 144 16.15 -4.92 9.77
N TYR A 145 17.40 -5.27 9.46
CA TYR A 145 17.92 -5.16 8.11
C TYR A 145 19.11 -6.12 8.00
N PRO A 146 19.21 -6.88 6.88
CA PRO A 146 18.37 -6.88 5.68
C PRO A 146 17.06 -7.64 5.88
N LYS A 147 16.28 -7.72 4.81
CA LYS A 147 14.92 -8.26 4.84
C LYS A 147 14.83 -9.75 5.15
N ASP A 148 15.85 -10.52 4.76
CA ASP A 148 15.78 -11.97 4.95
C ASP A 148 15.87 -12.30 6.43
N ILE A 149 14.95 -13.15 6.86
CA ILE A 149 14.91 -13.57 8.25
C ILE A 149 14.19 -14.91 8.30
N ASN A 150 14.56 -15.72 9.29
CA ASN A 150 13.93 -17.02 9.49
C ASN A 150 13.23 -17.01 10.84
N VAL A 151 11.99 -17.48 10.86
CA VAL A 151 11.25 -17.68 12.11
C VAL A 151 10.86 -19.15 12.24
N LYS A 152 11.18 -19.74 13.38
CA LYS A 152 10.73 -21.09 13.72
C LYS A 152 9.80 -21.02 14.92
N TRP A 153 8.73 -21.79 14.87
CA TRP A 153 7.83 -21.97 16.02
C TRP A 153 8.11 -23.31 16.70
N LYS A 154 8.25 -23.29 18.02
CA LYS A 154 8.47 -24.51 18.79
C LYS A 154 7.35 -24.61 19.84
N ILE A 155 6.78 -25.79 19.94
CA ILE A 155 5.73 -26.03 20.92
C ILE A 155 6.21 -27.17 21.80
N ASP A 156 6.33 -26.90 23.09
CA ASP A 156 6.94 -27.83 24.03
C ASP A 156 8.31 -28.30 23.51
N GLY A 157 9.06 -27.35 22.94
CA GLY A 157 10.45 -27.58 22.55
C GLY A 157 10.67 -28.21 21.18
N SER A 158 9.59 -28.58 20.50
CA SER A 158 9.76 -29.12 19.16
C SER A 158 9.10 -28.29 18.08
N GLU A 159 9.77 -28.24 16.92
CA GLU A 159 9.40 -27.36 15.84
C GLU A 159 8.04 -27.70 15.25
N ARG A 160 7.28 -26.64 14.97
CA ARG A 160 5.99 -26.73 14.31
C ARG A 160 6.09 -25.98 12.99
N GLY A 163 0.02 -23.96 9.92
CA GLY A 163 -0.81 -22.90 10.52
C GLY A 163 -0.05 -21.62 10.83
N VAL A 164 0.90 -21.27 9.97
CA VAL A 164 1.71 -20.06 10.14
C VAL A 164 1.40 -19.02 9.03
N LEU A 165 1.22 -17.77 9.44
CA LEU A 165 0.98 -16.65 8.53
C LEU A 165 2.13 -15.65 8.75
N ASN A 166 2.93 -15.41 7.72
CA ASN A 166 4.05 -14.47 7.79
C ASN A 166 3.76 -13.27 6.90
N SER A 167 4.06 -12.09 7.40
CA SER A 167 3.87 -10.86 6.62
C SER A 167 4.97 -9.82 6.93
N TRP A 168 5.64 -9.30 5.88
CA TRP A 168 6.64 -8.24 6.05
C TRP A 168 6.04 -6.88 5.74
N THR A 169 6.42 -5.87 6.50
CA THR A 169 6.13 -4.47 6.14
C THR A 169 6.98 -4.09 4.92
N ASP A 170 6.54 -3.08 4.18
CA ASP A 170 7.43 -2.39 3.25
C ASP A 170 8.53 -1.74 4.11
N GLN A 171 9.64 -1.39 3.48
CA GLN A 171 10.73 -0.73 4.21
C GLN A 171 10.24 0.56 4.88
N ASP A 172 10.77 0.86 6.07
CA ASP A 172 10.43 2.09 6.77
C ASP A 172 11.04 3.33 6.10
N SER A 173 10.24 4.39 5.97
CA SER A 173 10.68 5.61 5.30
C SER A 173 11.64 6.47 6.12
N LYS A 174 11.75 6.18 7.41
CA LYS A 174 12.59 6.96 8.31
C LYS A 174 13.89 6.22 8.60
N ASP A 175 13.80 4.96 9.03
CA ASP A 175 15.01 4.21 9.44
C ASP A 175 15.47 3.12 8.45
N SER A 176 14.74 2.97 7.33
CA SER A 176 15.12 1.98 6.28
C SER A 176 15.16 0.52 6.77
N THR A 177 14.51 0.23 7.89
CA THR A 177 14.40 -1.16 8.35
C THR A 177 13.10 -1.82 7.86
N TYR A 178 13.05 -3.14 8.04
CA TYR A 178 11.89 -3.96 7.79
C TYR A 178 11.33 -4.43 9.13
N SER A 179 10.06 -4.78 9.12
CA SER A 179 9.50 -5.57 10.21
C SER A 179 8.71 -6.73 9.63
N MET A 180 8.49 -7.76 10.44
CA MET A 180 7.74 -8.93 9.99
C MET A 180 6.86 -9.38 11.15
N SER A 181 5.69 -9.92 10.83
CA SER A 181 4.81 -10.53 11.82
C SER A 181 4.62 -12.00 11.49
N SER A 182 4.68 -12.86 12.50
CA SER A 182 4.46 -14.29 12.29
C SER A 182 3.36 -14.73 13.25
N THR A 183 2.33 -15.37 12.69
CA THR A 183 1.16 -15.78 13.48
C THR A 183 0.93 -17.28 13.28
N LEU A 184 0.96 -18.01 14.40
CA LEU A 184 0.71 -19.43 14.46
C LEU A 184 -0.72 -19.59 14.97
N THR A 185 -1.55 -20.27 14.19
CA THR A 185 -2.93 -20.50 14.62
C THR A 185 -3.20 -22.00 14.85
N LEU A 186 -3.71 -22.27 16.04
CA LEU A 186 -4.05 -23.61 16.52
C LEU A 186 -5.50 -23.61 16.90
N THR A 187 -6.08 -24.81 17.00
CA THR A 187 -7.38 -24.95 17.66
C THR A 187 -7.20 -24.79 19.16
N LYS A 188 -8.29 -24.42 19.86
CA LYS A 188 -8.21 -24.31 21.31
C LYS A 188 -7.83 -25.67 21.91
N ASP A 189 -8.46 -26.73 21.39
CA ASP A 189 -8.21 -28.09 21.90
C ASP A 189 -6.72 -28.43 21.82
N GLU A 190 -6.09 -28.12 20.69
CA GLU A 190 -4.67 -28.42 20.48
C GLU A 190 -3.80 -27.48 21.33
N TYR A 191 -4.13 -26.19 21.34
CA TYR A 191 -3.44 -25.23 22.20
C TYR A 191 -3.34 -25.68 23.68
N GLU A 192 -4.43 -26.22 24.22
CA GLU A 192 -4.50 -26.64 25.62
C GLU A 192 -3.75 -27.94 25.93
N ARG A 193 -3.18 -28.60 24.92
CA ARG A 193 -2.42 -29.85 25.13
C ARG A 193 -0.96 -29.61 25.41
N HIS A 194 -0.51 -28.36 25.26
CA HIS A 194 0.90 -28.04 25.37
C HIS A 194 1.11 -26.80 26.22
N ASN A 195 2.33 -26.65 26.72
CA ASN A 195 2.61 -25.56 27.65
C ASN A 195 3.44 -24.42 27.06
N SER A 196 4.59 -24.77 26.48
CA SER A 196 5.56 -23.77 26.05
C SER A 196 5.41 -23.41 24.56
N TYR A 197 5.31 -22.11 24.27
CA TYR A 197 5.18 -21.58 22.89
C TYR A 197 6.32 -20.61 22.63
N THR A 198 7.11 -20.90 21.59
CA THR A 198 8.36 -20.19 21.36
C THR A 198 8.44 -19.77 19.90
N CYS A 199 8.82 -18.52 19.66
CA CYS A 199 9.25 -18.13 18.33
C CYS A 199 10.75 -17.81 18.39
N GLU A 200 11.46 -18.32 17.40
CA GLU A 200 12.92 -18.19 17.32
C GLU A 200 13.26 -17.51 16.00
N ALA A 201 13.89 -16.33 16.09
CA ALA A 201 14.27 -15.52 14.93
C ALA A 201 15.77 -15.66 14.69
N THR A 202 16.12 -16.16 13.51
CA THR A 202 17.53 -16.13 13.11
C THR A 202 17.74 -15.17 11.94
N HIS A 203 18.65 -14.24 12.17
CA HIS A 203 18.91 -13.15 11.26
C HIS A 203 20.44 -13.06 11.16
N LYS A 204 20.93 -12.55 10.04
CA LYS A 204 22.40 -12.53 9.86
C LYS A 204 23.19 -11.77 10.93
N THR A 205 22.50 -10.89 11.66
CA THR A 205 23.14 -10.06 12.70
C THR A 205 23.67 -10.82 13.91
N SER A 206 23.28 -12.07 14.04
CA SER A 206 23.79 -12.92 15.12
C SER A 206 23.71 -14.41 14.78
N THR A 207 24.75 -15.13 15.19
CA THR A 207 24.70 -16.57 15.05
C THR A 207 23.77 -17.15 16.11
N SER A 208 23.43 -16.35 17.13
CA SER A 208 22.47 -16.73 18.18
C SER A 208 21.04 -16.31 17.75
N PRO A 209 20.11 -17.27 17.65
CA PRO A 209 18.72 -16.87 17.39
C PRO A 209 18.17 -16.09 18.56
N ILE A 210 17.27 -15.16 18.26
CA ILE A 210 16.55 -14.44 19.30
C ILE A 210 15.32 -15.28 19.64
N VAL A 211 15.20 -15.65 20.90
CA VAL A 211 14.16 -16.58 21.37
C VAL A 211 13.23 -15.82 22.28
N LYS A 212 11.93 -15.87 21.96
CA LYS A 212 10.90 -15.36 22.86
C LYS A 212 9.88 -16.48 23.06
N SER A 213 9.46 -16.65 24.31
CA SER A 213 8.59 -17.74 24.68
C SER A 213 7.60 -17.27 25.73
N PHE A 214 6.46 -17.94 25.81
CA PHE A 214 5.62 -17.89 27.03
C PHE A 214 5.14 -19.29 27.36
N ASN A 215 4.74 -19.52 28.60
CA ASN A 215 4.20 -20.81 29.04
C ASN A 215 2.74 -20.63 29.45
N ARG A 216 1.88 -21.49 28.95
CA ARG A 216 0.45 -21.38 29.20
C ARG A 216 0.12 -21.34 30.70
N ASN A 217 0.85 -22.12 31.50
CA ASN A 217 0.63 -22.12 32.99
C ASN A 217 0.89 -20.77 33.68
N GLU A 218 1.64 -19.90 33.02
CA GLU A 218 2.01 -18.61 33.61
C GLU A 218 1.04 -17.49 33.25
N CYS A 219 0.01 -17.80 32.46
CA CYS A 219 -0.86 -16.75 31.90
C CYS A 219 -1.78 -16.20 32.98
N GLU B 1 -7.20 24.54 -1.55
CA GLU B 1 -6.48 23.24 -1.68
C GLU B 1 -7.25 22.30 -2.62
N VAL B 2 -6.52 21.65 -3.53
CA VAL B 2 -7.15 20.67 -4.45
C VAL B 2 -7.46 19.37 -3.72
N LYS B 3 -8.67 18.87 -3.92
CA LYS B 3 -9.10 17.61 -3.32
C LYS B 3 -9.72 16.74 -4.38
N LEU B 4 -9.30 15.47 -4.41
CA LEU B 4 -9.91 14.45 -5.26
C LEU B 4 -10.21 13.27 -4.35
N VAL B 5 -11.47 12.80 -4.34
CA VAL B 5 -11.86 11.73 -3.44
C VAL B 5 -12.73 10.67 -4.13
N GLU B 6 -12.17 9.48 -4.32
CA GLU B 6 -12.90 8.37 -4.95
C GLU B 6 -13.82 7.69 -3.95
N SER B 7 -14.91 7.14 -4.45
CA SER B 7 -15.86 6.38 -3.65
C SER B 7 -16.49 5.31 -4.55
N GLY B 8 -17.07 4.29 -3.92
CA GLY B 8 -17.82 3.29 -4.65
C GLY B 8 -17.16 1.93 -4.77
N GLY B 9 -15.90 1.84 -4.37
CA GLY B 9 -15.18 0.56 -4.35
C GLY B 9 -15.82 -0.43 -3.38
N GLY B 10 -15.53 -1.71 -3.59
CA GLY B 10 -16.07 -2.76 -2.77
C GLY B 10 -16.12 -4.09 -3.49
N LEU B 11 -16.90 -5.01 -2.94
CA LEU B 11 -17.00 -6.37 -3.47
C LEU B 11 -18.12 -6.50 -4.49
N VAL B 12 -17.82 -7.16 -5.60
CA VAL B 12 -18.81 -7.39 -6.65
C VAL B 12 -18.55 -8.75 -7.29
N GLN B 13 -19.60 -9.39 -7.78
CA GLN B 13 -19.43 -10.72 -8.35
C GLN B 13 -18.98 -10.61 -9.80
N SER B 14 -18.29 -11.65 -10.28
CA SER B 14 -17.92 -11.77 -11.68
C SER B 14 -19.17 -11.59 -12.55
N GLY B 15 -19.04 -10.78 -13.60
CA GLY B 15 -20.15 -10.48 -14.50
C GLY B 15 -20.99 -9.27 -14.09
N GLY B 16 -20.80 -8.81 -12.86
CA GLY B 16 -21.56 -7.69 -12.35
C GLY B 16 -21.03 -6.36 -12.83
N SER B 17 -21.73 -5.30 -12.40
CA SER B 17 -21.37 -3.91 -12.72
C SER B 17 -21.11 -3.15 -11.43
N LEU B 18 -20.37 -2.06 -11.58
CA LEU B 18 -20.07 -1.16 -10.48
C LEU B 18 -19.75 0.21 -11.04
N ARG B 19 -20.22 1.26 -10.36
CA ARG B 19 -19.91 2.63 -10.73
C ARG B 19 -19.14 3.32 -9.62
N LEU B 20 -18.01 3.89 -9.99
CA LEU B 20 -17.18 4.63 -9.05
C LEU B 20 -17.45 6.12 -9.24
N SER B 21 -17.25 6.89 -8.17
CA SER B 21 -17.32 8.34 -8.25
C SER B 21 -16.01 8.96 -7.75
N CYS B 22 -15.77 10.20 -8.15
CA CYS B 22 -14.58 10.95 -7.76
C CYS B 22 -15.01 12.40 -7.56
N ALA B 23 -15.19 12.83 -6.30
CA ALA B 23 -15.57 14.20 -5.97
C ALA B 23 -14.34 15.08 -5.99
N THR B 24 -14.46 16.26 -6.59
CA THR B 24 -13.32 17.16 -6.67
C THR B 24 -13.67 18.54 -6.17
N SER B 25 -12.65 19.27 -5.73
CA SER B 25 -12.78 20.70 -5.39
C SER B 25 -11.41 21.35 -5.43
N GLY B 26 -11.39 22.68 -5.40
CA GLY B 26 -10.12 23.44 -5.30
C GLY B 26 -9.51 23.85 -6.62
N PHE B 27 -10.23 23.58 -7.71
CA PHE B 27 -9.84 23.98 -9.06
C PHE B 27 -11.06 24.06 -9.97
N THR B 28 -10.88 24.77 -11.08
CA THR B 28 -11.94 24.95 -12.05
C THR B 28 -12.14 23.68 -12.86
N PHE B 29 -13.11 22.87 -12.41
CA PHE B 29 -13.31 21.50 -12.88
C PHE B 29 -13.47 21.41 -14.39
N THR B 30 -14.26 22.31 -14.99
CA THR B 30 -14.56 22.21 -16.43
C THR B 30 -13.35 22.53 -17.32
N ASP B 31 -12.32 23.15 -16.74
CA ASP B 31 -11.08 23.50 -17.44
C ASP B 31 -10.23 22.25 -17.73
N TYR B 32 -10.50 21.17 -16.99
CA TYR B 32 -9.60 20.02 -16.97
C TYR B 32 -10.16 18.72 -17.55
N TYR B 33 -9.29 18.02 -18.28
CA TYR B 33 -9.53 16.61 -18.58
C TYR B 33 -9.39 15.89 -17.25
N MET B 34 -10.04 14.74 -17.14
CA MET B 34 -9.89 13.91 -15.95
C MET B 34 -9.64 12.50 -16.42
N SER B 35 -8.64 11.83 -15.83
CA SER B 35 -8.38 10.41 -16.14
C SER B 35 -8.76 9.46 -15.01
N TRP B 36 -8.95 8.18 -15.39
CA TRP B 36 -9.05 7.07 -14.43
C TRP B 36 -7.84 6.16 -14.64
N VAL B 37 -7.22 5.73 -13.55
CA VAL B 37 -6.08 4.84 -13.59
C VAL B 37 -6.35 3.74 -12.58
N ARG B 38 -5.96 2.50 -12.88
CA ARG B 38 -6.07 1.44 -11.86
C ARG B 38 -4.73 0.75 -11.59
N GLN B 39 -4.71 -0.01 -10.49
CA GLN B 39 -3.50 -0.71 -10.06
C GLN B 39 -3.90 -2.00 -9.32
N PRO B 40 -3.70 -3.16 -9.98
CA PRO B 40 -3.91 -4.40 -9.21
C PRO B 40 -2.90 -4.43 -8.07
N PRO B 41 -3.27 -5.02 -6.91
CA PRO B 41 -2.33 -5.16 -5.78
C PRO B 41 -0.94 -5.62 -6.23
N GLY B 42 0.08 -4.83 -5.89
CA GLY B 42 1.48 -5.17 -6.19
C GLY B 42 1.90 -5.07 -7.65
N LYS B 43 1.00 -4.56 -8.50
CA LYS B 43 1.28 -4.46 -9.94
C LYS B 43 1.39 -2.98 -10.39
N ALA B 44 1.65 -2.80 -11.69
CA ALA B 44 1.88 -1.47 -12.26
C ALA B 44 0.56 -0.67 -12.41
N LEU B 45 0.69 0.65 -12.52
CA LEU B 45 -0.44 1.51 -12.89
C LEU B 45 -0.86 1.24 -14.33
N GLU B 46 -2.14 1.34 -14.59
CA GLU B 46 -2.72 1.16 -15.93
C GLU B 46 -3.72 2.28 -16.19
N TRP B 47 -3.43 3.08 -17.21
CA TRP B 47 -4.33 4.18 -17.60
C TRP B 47 -5.53 3.55 -18.29
N LEU B 48 -6.73 3.96 -17.88
CA LEU B 48 -7.98 3.41 -18.45
C LEU B 48 -8.71 4.28 -19.46
N GLY B 49 -8.67 5.59 -19.26
CA GLY B 49 -9.49 6.48 -20.07
C GLY B 49 -9.49 7.88 -19.53
N PHE B 50 -9.95 8.80 -20.37
CA PHE B 50 -10.18 10.18 -19.92
C PHE B 50 -11.46 10.73 -20.50
N ILE B 51 -11.90 11.84 -19.89
CA ILE B 51 -12.96 12.68 -20.44
C ILE B 51 -12.37 14.07 -20.55
N ARG B 52 -12.55 14.68 -21.72
CA ARG B 52 -11.91 15.96 -21.99
C ARG B 52 -12.62 17.13 -21.28
N ASN B 53 -12.06 18.33 -21.43
CA ASN B 53 -12.62 19.50 -20.77
C ASN B 53 -13.71 20.14 -21.63
N LYS B 54 -14.25 21.25 -21.14
CA LYS B 54 -15.36 21.92 -21.82
C LYS B 54 -14.96 22.37 -23.21
N ALA B 55 -13.75 22.93 -23.32
CA ALA B 55 -13.26 23.44 -24.61
C ALA B 55 -13.23 22.35 -25.69
N ASN B 56 -13.09 21.08 -25.25
CA ASN B 56 -13.05 19.94 -26.16
C ASN B 56 -14.32 19.10 -26.14
N GLY B 57 -15.39 19.68 -25.64
CA GLY B 57 -16.72 19.06 -25.76
C GLY B 57 -16.94 17.88 -24.84
N TYR B 58 -16.09 17.74 -23.82
CA TYR B 58 -16.25 16.67 -22.83
C TYR B 58 -16.29 15.27 -23.47
N THR B 59 -15.56 15.11 -24.57
CA THR B 59 -15.49 13.81 -25.25
C THR B 59 -14.59 12.82 -24.50
N THR B 60 -14.84 11.54 -24.73
CA THR B 60 -14.14 10.47 -23.98
C THR B 60 -13.16 9.66 -24.86
N GLU B 61 -12.09 9.14 -24.24
CA GLU B 61 -11.25 8.12 -24.91
C GLU B 61 -10.92 7.03 -23.91
N TYR B 62 -10.62 5.82 -24.41
CA TYR B 62 -10.38 4.67 -23.53
C TYR B 62 -9.20 3.84 -23.99
N SER B 63 -8.55 3.18 -23.04
CA SER B 63 -7.57 2.15 -23.42
C SER B 63 -8.32 1.07 -24.19
N PRO B 64 -7.67 0.52 -25.22
CA PRO B 64 -8.21 -0.67 -25.85
C PRO B 64 -8.60 -1.76 -24.81
N SER B 65 -7.90 -1.81 -23.67
CA SER B 65 -8.15 -2.84 -22.65
C SER B 65 -9.57 -2.84 -22.06
N VAL B 66 -10.26 -1.70 -22.13
CA VAL B 66 -11.57 -1.55 -21.49
C VAL B 66 -12.62 -0.83 -22.36
N LYS B 67 -12.20 -0.30 -23.51
CA LYS B 67 -13.16 0.31 -24.45
C LYS B 67 -14.32 -0.64 -24.76
N GLY B 68 -15.55 -0.13 -24.66
CA GLY B 68 -16.74 -0.95 -24.90
C GLY B 68 -17.34 -1.52 -23.64
N ARG B 69 -16.56 -1.49 -22.55
CA ARG B 69 -16.97 -2.10 -21.30
C ARG B 69 -17.06 -1.10 -20.15
N PHE B 70 -16.15 -0.12 -20.19
CA PHE B 70 -16.13 0.95 -19.18
C PHE B 70 -16.57 2.26 -19.83
N THR B 71 -17.28 3.08 -19.05
CA THR B 71 -17.77 4.39 -19.50
C THR B 71 -17.44 5.47 -18.49
N ILE B 72 -16.83 6.56 -18.95
CA ILE B 72 -16.53 7.70 -18.09
C ILE B 72 -17.55 8.82 -18.35
N SER B 73 -17.98 9.51 -17.28
CA SER B 73 -18.88 10.65 -17.42
C SER B 73 -18.53 11.66 -16.34
N ARG B 74 -19.12 12.85 -16.42
CA ARG B 74 -18.80 13.89 -15.45
C ARG B 74 -20.04 14.77 -15.20
N ASP B 75 -20.14 15.25 -13.97
CA ASP B 75 -21.20 16.20 -13.56
C ASP B 75 -20.49 17.53 -13.36
N ASN B 76 -20.67 18.44 -14.32
CA ASN B 76 -20.01 19.75 -14.32
C ASN B 76 -20.64 20.80 -13.39
N SER B 77 -21.82 20.48 -12.87
CA SER B 77 -22.45 21.30 -11.86
C SER B 77 -21.90 21.08 -10.47
N GLN B 78 -21.55 19.83 -10.17
CA GLN B 78 -21.06 19.43 -8.86
C GLN B 78 -19.57 19.06 -8.83
N SER B 79 -18.94 19.04 -10.00
CA SER B 79 -17.52 18.70 -10.13
C SER B 79 -17.20 17.28 -9.66
N ILE B 80 -18.03 16.34 -10.12
CA ILE B 80 -17.84 14.90 -9.82
C ILE B 80 -17.55 14.13 -11.12
N LEU B 81 -16.55 13.24 -11.03
CA LEU B 81 -16.20 12.36 -12.15
C LEU B 81 -16.69 10.94 -11.86
N TYR B 82 -17.15 10.23 -12.90
CA TYR B 82 -17.68 8.88 -12.74
C TYR B 82 -16.98 7.87 -13.65
N LEU B 83 -16.93 6.62 -13.19
CA LEU B 83 -16.49 5.49 -14.01
C LEU B 83 -17.48 4.36 -13.83
N GLN B 84 -18.21 4.05 -14.90
CA GLN B 84 -19.13 2.90 -14.94
C GLN B 84 -18.37 1.70 -15.49
N MET B 85 -18.35 0.61 -14.72
CA MET B 85 -17.69 -0.64 -15.12
C MET B 85 -18.69 -1.77 -15.28
N ASN B 86 -18.62 -2.48 -16.40
CA ASN B 86 -19.54 -3.57 -16.69
C ASN B 86 -18.83 -4.88 -16.90
N THR B 87 -19.57 -5.98 -16.82
CA THR B 87 -19.02 -7.32 -17.07
C THR B 87 -17.64 -7.51 -16.38
N LEU B 88 -17.63 -7.20 -15.09
CA LEU B 88 -16.41 -7.26 -14.29
C LEU B 88 -15.85 -8.69 -14.17
N ARG B 89 -14.54 -8.79 -14.21
CA ARG B 89 -13.87 -10.08 -13.99
C ARG B 89 -12.76 -9.94 -12.96
N ALA B 90 -12.23 -11.08 -12.51
CA ALA B 90 -11.15 -11.10 -11.52
C ALA B 90 -9.99 -10.12 -11.86
N GLU B 91 -9.64 -10.01 -13.14
CA GLU B 91 -8.55 -9.14 -13.59
C GLU B 91 -8.83 -7.64 -13.38
N ASP B 92 -10.10 -7.31 -13.10
CA ASP B 92 -10.48 -5.93 -12.82
C ASP B 92 -10.32 -5.59 -11.35
N SER B 93 -9.98 -6.58 -10.51
CA SER B 93 -9.72 -6.28 -9.10
C SER B 93 -8.46 -5.40 -8.98
N ALA B 94 -8.63 -4.24 -8.36
CA ALA B 94 -7.60 -3.21 -8.40
C ALA B 94 -8.01 -2.01 -7.56
N THR B 95 -7.01 -1.21 -7.20
CA THR B 95 -7.29 0.13 -6.69
C THR B 95 -7.51 1.03 -7.90
N TYR B 96 -8.59 1.80 -7.84
CA TYR B 96 -8.97 2.75 -8.91
C TYR B 96 -8.77 4.17 -8.44
N TYR B 97 -7.97 4.91 -9.20
CA TYR B 97 -7.68 6.31 -8.91
C TYR B 97 -8.29 7.23 -9.97
N CYS B 98 -8.82 8.38 -9.53
CA CYS B 98 -9.03 9.45 -10.51
C CYS B 98 -7.83 10.39 -10.39
N ALA B 99 -7.53 11.06 -11.50
CA ALA B 99 -6.38 11.98 -11.56
C ALA B 99 -6.77 13.19 -12.41
N ARG B 100 -6.40 14.38 -11.96
CA ARG B 100 -6.57 15.56 -12.79
C ARG B 100 -5.59 15.47 -13.96
N ASP B 101 -6.08 15.77 -15.17
CA ASP B 101 -5.29 15.59 -16.40
C ASP B 101 -5.12 16.98 -17.08
N HIS B 102 -5.06 16.96 -18.40
CA HIS B 102 -4.68 18.10 -19.26
C HIS B 102 -5.64 19.29 -19.15
N ASP B 103 -5.09 20.51 -19.29
CA ASP B 103 -5.90 21.72 -19.25
C ASP B 103 -5.77 22.48 -20.55
N GLY B 104 -5.22 21.81 -21.57
CA GLY B 104 -4.98 22.44 -22.86
C GLY B 104 -3.57 22.99 -22.98
N TYR B 105 -2.83 23.05 -21.87
CA TYR B 105 -1.46 23.53 -21.90
C TYR B 105 -0.53 22.43 -21.39
N TYR B 106 -0.60 22.15 -20.09
CA TYR B 106 0.37 21.29 -19.40
C TYR B 106 0.16 19.81 -19.69
N GLU B 107 1.27 19.08 -19.83
CA GLU B 107 1.20 17.62 -19.93
C GLU B 107 1.63 17.00 -18.61
N ARG B 108 0.64 16.64 -17.79
CA ARG B 108 0.90 16.13 -16.44
C ARG B 108 -0.43 15.72 -15.80
N PHE B 109 -0.37 14.78 -14.84
CA PHE B 109 -1.50 14.52 -13.95
C PHE B 109 -1.13 15.18 -12.61
N SER B 110 -1.64 16.39 -12.34
CA SER B 110 -1.14 17.17 -11.18
C SER B 110 -1.47 16.55 -9.83
N TYR B 111 -2.67 15.96 -9.75
CA TYR B 111 -3.27 15.47 -8.50
C TYR B 111 -3.96 14.12 -8.70
N TRP B 112 -3.92 13.30 -7.65
CA TRP B 112 -4.52 11.97 -7.65
C TRP B 112 -5.34 11.81 -6.38
N GLY B 113 -6.43 11.04 -6.45
CA GLY B 113 -7.24 10.72 -5.27
C GLY B 113 -6.51 9.70 -4.40
N GLN B 114 -7.13 9.30 -3.28
CA GLN B 114 -6.55 8.29 -2.39
C GLN B 114 -6.76 6.87 -2.94
N GLY B 115 -7.69 6.73 -3.90
CA GLY B 115 -8.01 5.45 -4.53
C GLY B 115 -9.10 4.69 -3.81
N THR B 116 -9.86 3.91 -4.56
CA THR B 116 -10.89 3.04 -4.02
C THR B 116 -10.69 1.60 -4.54
N LEU B 117 -10.74 0.62 -3.63
CA LEU B 117 -10.40 -0.75 -3.95
C LEU B 117 -11.62 -1.51 -4.42
N VAL B 118 -11.49 -2.11 -5.60
CA VAL B 118 -12.53 -2.97 -6.16
C VAL B 118 -12.07 -4.45 -6.12
N THR B 119 -12.93 -5.32 -5.62
CA THR B 119 -12.66 -6.77 -5.54
C THR B 119 -13.77 -7.52 -6.25
N VAL B 120 -13.38 -8.27 -7.27
CA VAL B 120 -14.31 -9.09 -8.04
C VAL B 120 -14.14 -10.53 -7.55
N SER B 121 -15.18 -11.07 -6.93
CA SER B 121 -15.09 -12.37 -6.25
C SER B 121 -16.48 -12.90 -5.92
N ALA B 122 -16.57 -14.23 -5.81
CA ALA B 122 -17.79 -14.92 -5.42
C ALA B 122 -17.92 -15.02 -3.89
N ALA B 123 -16.82 -14.78 -3.19
CA ALA B 123 -16.78 -14.92 -1.72
C ALA B 123 -17.72 -13.92 -1.04
N LYS B 124 -18.26 -14.28 0.13
CA LYS B 124 -19.18 -13.37 0.83
C LYS B 124 -18.37 -12.39 1.68
N THR B 125 -19.00 -11.29 2.06
CA THR B 125 -18.40 -10.32 2.99
C THR B 125 -18.35 -10.96 4.38
N THR B 126 -17.16 -10.91 4.99
CA THR B 126 -16.96 -11.45 6.34
C THR B 126 -16.25 -10.37 7.16
N PRO B 127 -16.88 -9.92 8.26
CA PRO B 127 -16.24 -8.91 9.12
C PRO B 127 -15.07 -9.50 9.89
N PRO B 128 -14.08 -8.66 10.23
CA PRO B 128 -12.93 -9.19 10.97
C PRO B 128 -13.32 -9.53 12.41
N SER B 129 -12.55 -10.44 13.00
CA SER B 129 -12.45 -10.52 14.45
C SER B 129 -11.21 -9.70 14.85
N VAL B 130 -11.32 -8.93 15.92
CA VAL B 130 -10.23 -8.06 16.30
C VAL B 130 -9.81 -8.42 17.70
N TYR B 131 -8.55 -8.80 17.85
CA TYR B 131 -8.07 -9.31 19.13
C TYR B 131 -6.86 -8.53 19.62
N PRO B 132 -6.81 -8.25 20.94
CA PRO B 132 -5.74 -7.42 21.46
C PRO B 132 -4.48 -8.25 21.63
N LEU B 133 -3.34 -7.60 21.43
CA LEU B 133 -2.08 -8.25 21.67
C LEU B 133 -1.35 -7.51 22.80
N ALA B 134 -1.37 -8.13 23.98
CA ALA B 134 -0.74 -7.61 25.20
C ALA B 134 0.35 -8.60 25.67
N PRO B 135 1.44 -8.08 26.26
CA PRO B 135 2.50 -8.98 26.73
C PRO B 135 2.02 -10.00 27.77
N ASN B 142 11.78 -3.51 30.12
CA ASN B 142 12.39 -2.61 29.14
C ASN B 142 11.89 -1.16 29.35
N SER B 143 12.55 -0.22 28.68
CA SER B 143 12.08 1.17 28.65
C SER B 143 10.97 1.37 27.62
N MET B 144 10.87 0.42 26.68
CA MET B 144 9.89 0.48 25.60
C MET B 144 9.02 -0.78 25.68
N VAL B 145 7.74 -0.65 25.31
CA VAL B 145 6.83 -1.83 25.26
C VAL B 145 6.05 -1.86 23.94
N THR B 146 5.88 -3.06 23.41
CA THR B 146 5.23 -3.22 22.12
C THR B 146 3.91 -3.94 22.33
N LEU B 147 2.84 -3.34 21.81
CA LEU B 147 1.50 -3.89 21.90
C LEU B 147 0.99 -4.09 20.46
N GLY B 148 -0.16 -4.74 20.31
CA GLY B 148 -0.71 -4.89 18.97
C GLY B 148 -2.19 -5.23 18.86
N CYS B 149 -2.66 -5.35 17.63
CA CYS B 149 -4.01 -5.87 17.38
C CYS B 149 -3.93 -6.81 16.21
N LEU B 150 -4.61 -7.93 16.35
CA LEU B 150 -4.73 -8.97 15.31
C LEU B 150 -6.11 -8.81 14.70
N VAL B 151 -6.15 -8.56 13.39
CA VAL B 151 -7.41 -8.31 12.69
C VAL B 151 -7.59 -9.50 11.75
N LYS B 152 -8.38 -10.47 12.22
CA LYS B 152 -8.34 -11.83 11.64
C LYS B 152 -9.61 -12.24 10.90
N GLY B 153 -9.43 -12.87 9.74
CA GLY B 153 -10.54 -13.55 9.07
C GLY B 153 -11.62 -12.70 8.41
N TYR B 154 -11.19 -11.68 7.67
CA TYR B 154 -12.14 -10.79 6.97
C TYR B 154 -12.06 -10.89 5.43
N PHE B 155 -13.13 -10.46 4.78
CA PHE B 155 -13.15 -10.35 3.33
C PHE B 155 -14.25 -9.35 2.96
N PRO B 156 -14.04 -8.53 1.90
CA PRO B 156 -12.81 -8.32 1.13
C PRO B 156 -11.86 -7.36 1.86
N GLU B 157 -10.70 -7.07 1.27
CA GLU B 157 -9.91 -5.91 1.67
C GLU B 157 -10.74 -4.66 1.31
N PRO B 158 -10.41 -3.51 1.91
CA PRO B 158 -9.38 -3.28 2.91
C PRO B 158 -9.93 -3.20 4.34
N VAL B 159 -9.01 -3.08 5.28
CA VAL B 159 -9.34 -2.56 6.60
C VAL B 159 -8.44 -1.37 6.87
N THR B 160 -8.83 -0.53 7.82
CA THR B 160 -7.99 0.55 8.30
C THR B 160 -7.73 0.32 9.77
N VAL B 161 -6.50 0.61 10.21
CA VAL B 161 -6.13 0.48 11.62
C VAL B 161 -5.43 1.79 12.02
N THR B 162 -5.93 2.40 13.08
CA THR B 162 -5.21 3.51 13.73
C THR B 162 -5.05 3.17 15.20
N TRP B 163 -4.26 3.97 15.90
CA TRP B 163 -4.04 3.80 17.34
C TRP B 163 -4.35 5.10 18.07
N ASN B 164 -5.15 5.01 19.15
CA ASN B 164 -5.63 6.19 19.85
C ASN B 164 -6.17 7.26 18.91
N SER B 165 -7.06 6.83 18.02
CA SER B 165 -7.67 7.69 16.98
C SER B 165 -6.69 8.46 16.10
N GLY B 166 -5.49 7.91 15.92
CA GLY B 166 -4.45 8.54 15.10
C GLY B 166 -3.40 9.34 15.86
N SER B 167 -3.60 9.58 17.15
CA SER B 167 -2.62 10.33 17.95
C SER B 167 -1.32 9.57 18.21
N LEU B 168 -1.36 8.24 18.11
CA LEU B 168 -0.13 7.44 18.02
C LEU B 168 0.07 6.99 16.57
N SER B 169 1.03 7.59 15.86
CA SER B 169 1.38 7.15 14.51
C SER B 169 2.84 6.74 14.43
N SER B 170 3.69 7.46 15.15
CA SER B 170 5.10 7.10 15.27
C SER B 170 5.19 5.78 16.04
N GLY B 171 6.09 4.90 15.60
CA GLY B 171 6.26 3.61 16.27
C GLY B 171 5.18 2.57 15.94
N VAL B 172 4.34 2.88 14.95
CA VAL B 172 3.32 1.95 14.46
C VAL B 172 3.77 1.23 13.19
N HIS B 173 3.60 -0.09 13.17
CA HIS B 173 3.80 -0.92 11.98
C HIS B 173 2.56 -1.71 11.70
N THR B 174 1.96 -1.48 10.54
CA THR B 174 0.81 -2.29 10.16
C THR B 174 1.22 -3.25 9.03
N PHE B 175 1.14 -4.55 9.34
CA PHE B 175 1.59 -5.62 8.48
C PHE B 175 0.56 -5.95 7.41
N PRO B 176 0.98 -5.90 6.14
CA PRO B 176 0.03 -6.09 5.04
C PRO B 176 -0.76 -7.40 5.17
N ALA B 177 -2.03 -7.36 4.75
CA ALA B 177 -2.92 -8.48 4.87
C ALA B 177 -2.43 -9.61 4.01
N VAL B 178 -2.70 -10.83 4.48
CA VAL B 178 -2.35 -12.06 3.78
C VAL B 178 -3.61 -12.91 3.69
N LEU B 179 -3.86 -13.40 2.48
CA LEU B 179 -5.00 -14.24 2.19
C LEU B 179 -4.63 -15.71 2.46
N GLN B 180 -5.42 -16.36 3.31
CA GLN B 180 -5.26 -17.79 3.63
C GLN B 180 -6.65 -18.39 3.77
N SER B 181 -6.91 -19.49 3.05
CA SER B 181 -8.23 -20.11 3.00
C SER B 181 -9.37 -19.07 2.84
N ASP B 182 -9.27 -18.24 1.80
CA ASP B 182 -10.34 -17.32 1.39
C ASP B 182 -10.65 -16.17 2.35
N LEU B 183 -9.79 -15.96 3.34
CA LEU B 183 -9.97 -14.86 4.31
C LEU B 183 -8.64 -14.15 4.52
N TYR B 184 -8.72 -12.83 4.69
CA TYR B 184 -7.53 -12.02 5.02
C TYR B 184 -7.32 -11.93 6.52
N THR B 185 -6.04 -11.81 6.89
CA THR B 185 -5.66 -11.50 8.27
C THR B 185 -4.55 -10.50 8.22
N LEU B 186 -4.66 -9.47 9.07
CA LEU B 186 -3.55 -8.57 9.27
C LEU B 186 -3.29 -8.28 10.73
N SER B 187 -2.14 -7.67 11.01
CA SER B 187 -1.82 -7.27 12.36
C SER B 187 -1.17 -5.90 12.32
N SER B 188 -1.09 -5.28 13.50
CA SER B 188 -0.52 -3.96 13.63
C SER B 188 0.17 -3.93 14.98
N SER B 189 1.41 -3.45 15.01
CA SER B 189 2.09 -3.25 16.28
C SER B 189 2.26 -1.75 16.56
N VAL B 190 2.28 -1.43 17.86
CA VAL B 190 2.63 -0.08 18.29
C VAL B 190 3.63 -0.20 19.45
N THR B 191 4.63 0.67 19.43
CA THR B 191 5.64 0.66 20.46
C THR B 191 5.68 2.00 21.17
N VAL B 192 5.47 1.94 22.48
CA VAL B 192 5.39 3.15 23.31
C VAL B 192 6.35 3.03 24.51
N PRO B 193 6.72 4.17 25.14
CA PRO B 193 7.47 4.08 26.40
C PRO B 193 6.68 3.33 27.48
N SER B 194 7.36 2.41 28.17
CA SER B 194 6.72 1.56 29.19
C SER B 194 6.09 2.37 30.33
N SER B 195 6.61 3.58 30.54
CA SER B 195 6.10 4.50 31.56
C SER B 195 4.69 5.01 31.24
N THR B 196 4.23 4.76 30.01
CA THR B 196 2.95 5.30 29.55
C THR B 196 1.85 4.24 29.39
N TRP B 197 2.23 2.98 29.45
CA TRP B 197 1.25 1.89 29.41
C TRP B 197 1.61 0.85 30.46
N PRO B 198 0.63 0.37 31.24
CA PRO B 198 -0.82 0.61 31.17
C PRO B 198 -1.37 1.87 31.86
N SER B 199 -0.51 2.77 32.34
CA SER B 199 -0.99 3.96 33.05
C SER B 199 -1.84 4.88 32.16
N GLU B 200 -1.48 4.98 30.88
CA GLU B 200 -2.30 5.67 29.86
C GLU B 200 -2.96 4.61 28.98
N THR B 201 -4.11 4.93 28.40
CA THR B 201 -4.80 3.93 27.58
C THR B 201 -4.22 3.87 26.17
N VAL B 202 -4.22 2.64 25.63
CA VAL B 202 -3.81 2.40 24.25
C VAL B 202 -4.90 1.54 23.61
N THR B 203 -5.45 2.02 22.50
CA THR B 203 -6.61 1.43 21.83
C THR B 203 -6.34 1.38 20.33
N CYS B 204 -6.55 0.22 19.71
CA CYS B 204 -6.52 0.19 18.22
C CYS B 204 -7.94 0.40 17.72
N ASN B 205 -8.04 1.25 16.70
CA ASN B 205 -9.32 1.51 16.05
C ASN B 205 -9.32 0.84 14.69
N VAL B 206 -10.26 -0.08 14.48
CA VAL B 206 -10.27 -0.86 13.24
C VAL B 206 -11.57 -0.64 12.51
N ALA B 207 -11.48 -0.40 11.20
CA ALA B 207 -12.67 -0.36 10.37
C ALA B 207 -12.59 -1.32 9.18
N HIS B 208 -13.71 -1.93 8.83
CA HIS B 208 -13.86 -2.78 7.64
C HIS B 208 -15.06 -2.26 6.85
N PRO B 209 -14.79 -1.37 5.87
CA PRO B 209 -15.89 -0.69 5.21
C PRO B 209 -16.89 -1.67 4.59
N ALA B 210 -16.43 -2.82 4.05
CA ALA B 210 -17.36 -3.71 3.34
C ALA B 210 -18.52 -4.18 4.24
N SER B 211 -18.20 -4.37 5.53
CA SER B 211 -19.16 -4.83 6.54
C SER B 211 -19.58 -3.68 7.47
N SER B 212 -19.19 -2.44 7.10
CA SER B 212 -19.40 -1.27 7.95
C SER B 212 -18.97 -1.52 9.42
N THR B 213 -17.92 -2.31 9.60
CA THR B 213 -17.48 -2.66 10.94
C THR B 213 -16.63 -1.53 11.49
N LYS B 214 -16.91 -1.13 12.72
CA LYS B 214 -16.09 -0.16 13.49
C LYS B 214 -15.88 -0.76 14.87
N VAL B 215 -14.60 -0.90 15.23
CA VAL B 215 -14.16 -1.54 16.49
C VAL B 215 -13.10 -0.68 17.17
N ASP B 216 -13.22 -0.50 18.48
CA ASP B 216 -12.17 0.07 19.29
C ASP B 216 -11.81 -1.00 20.31
N LYS B 217 -10.55 -1.45 20.29
CA LYS B 217 -10.12 -2.48 21.21
C LYS B 217 -9.06 -1.91 22.13
N LYS B 218 -9.41 -1.76 23.41
CA LYS B 218 -8.45 -1.27 24.40
C LYS B 218 -7.49 -2.40 24.72
N ILE B 219 -6.20 -2.10 24.73
CA ILE B 219 -5.21 -3.11 25.13
C ILE B 219 -5.10 -3.04 26.65
N VAL B 220 -5.56 -4.12 27.31
CA VAL B 220 -5.59 -4.17 28.78
C VAL B 220 -4.48 -5.12 29.26
N PRO B 221 -3.75 -4.74 30.34
CA PRO B 221 -2.71 -5.65 30.87
C PRO B 221 -3.34 -6.93 31.42
N ARG B 222 -2.68 -8.06 31.18
CA ARG B 222 -3.27 -9.37 31.47
C ARG B 222 -3.10 -9.74 32.94
C11 KDR C . -4.83 14.65 -32.17
C10 KDR C . -5.89 15.56 -32.11
C9 KDR C . -5.67 16.95 -32.21
O2 KDR C . -4.61 17.64 -31.44
C2 KDR C . -4.96 18.72 -30.49
C1 KDR C . -4.19 19.96 -30.95
O1A KDR C . -3.56 20.66 -30.15
C3 KDR C . -4.50 18.38 -29.05
O6 KDR C . -6.38 19.12 -30.48
C6 KDR C . -7.32 18.25 -29.80
C7 KDR C . -8.78 18.74 -30.00
O7 KDR C . -9.71 17.85 -29.37
C8 KDR C . -9.13 18.87 -31.49
O8 KDR C . -8.34 19.92 -32.07
C5 KDR C . -6.86 18.10 -28.33
O5 KDR C . -6.76 19.35 -27.64
C4 KDR C . -5.49 17.43 -28.34
O4 KDR C . -5.06 17.09 -26.95
C1 KDO C . -6.26 14.95 -27.00
O1A KDO C . -7.26 15.48 -26.46
O1B KDO C . -6.24 13.87 -27.63
C2 KDO C . -4.91 15.67 -26.77
C3 KDO C . -4.52 15.41 -25.30
C4 KDO C . -3.10 15.90 -25.03
O4 KDO C . -2.70 15.49 -23.70
C5 KDO C . -2.13 15.34 -26.07
O5 KDO C . -2.13 13.91 -25.98
C6 KDO C . -2.62 15.71 -27.47
O6 KDO C . -3.92 15.14 -27.70
C7 KDO C . -1.72 15.19 -28.61
O7 KDO C . -0.43 15.71 -28.42
C8 KDO C . -2.24 15.66 -29.99
O8 KDO C . -2.10 17.09 -30.11
MG MG D . 9.95 0.58 13.41
MG MG E . 3.28 -31.02 24.93
ZN ZN F . -0.15 -31.49 20.16
#